data_6OCG
#
_entry.id   6OCG
#
_cell.length_a   70.671
_cell.length_b   126.454
_cell.length_c   46.082
_cell.angle_alpha   90.000
_cell.angle_beta   90.000
_cell.angle_gamma   90.000
#
_symmetry.space_group_name_H-M   'P 21 21 2'
#
loop_
_entity.id
_entity.type
_entity.pdbx_description
1 polymer 'Tubulinyl-Tyr carboxypeptidase 1'
2 polymer 'Small vasohibin-binding protein'
3 non-polymer 'CHLORIDE ION'
4 non-polymer GLYCEROL
5 non-polymer N-[(3R)-4-ethoxy-3-hydroxy-4-oxobutanoyl]-L-tyrosine
6 water water
#
loop_
_entity_poly.entity_id
_entity_poly.type
_entity_poly.pdbx_seq_one_letter_code
_entity_poly.pdbx_strand_id
1 'polypeptide(L)'
;PFFVNRGGLPVDEATWERMWKHVAKIHPDGEKVAQRIRGATDLPKIPIPSVPTFQPSTPVPERLEAVQRYIRELQYNHTG
TQFFEIKKSRPLTGLMDLAKEMTKEALPIKCLEAVILGIYLTNSMPTLERFPISFKTYFSGNYFRHIVLGVNFAGRYGAL
GMSRREDLMYKPPAFRTLSELVLDFEAAYGRCWHVLKKVKLGQSVSHDPHSVEQIEWKHSVLDVERLGRDDFRKELERHA
RDMRLKI
;
A
2 'polypeptide(L)' SAQQELKQRQRAEIYALNRVMTELEQ B
#
# COMPACT_ATOMS: atom_id res chain seq x y z
N PRO A 1 -14.78 -6.41 -5.29
CA PRO A 1 -14.88 -6.93 -3.92
C PRO A 1 -13.80 -8.00 -3.61
N PHE A 2 -13.29 -7.97 -2.38
CA PHE A 2 -12.12 -8.74 -2.00
C PHE A 2 -12.41 -9.60 -0.77
N PHE A 3 -11.80 -10.78 -0.73
CA PHE A 3 -11.74 -11.57 0.49
C PHE A 3 -10.48 -11.22 1.27
N VAL A 4 -10.54 -11.38 2.58
CA VAL A 4 -9.39 -11.13 3.44
C VAL A 4 -8.98 -12.43 4.11
N ASN A 5 -7.69 -12.78 4.02
CA ASN A 5 -7.17 -13.89 4.79
C ASN A 5 -7.09 -13.50 6.25
N ARG A 6 -7.80 -14.24 7.10
CA ARG A 6 -7.85 -13.97 8.53
CA ARG A 6 -7.87 -13.99 8.53
C ARG A 6 -7.26 -15.09 9.38
N GLY A 7 -6.73 -16.15 8.76
CA GLY A 7 -6.11 -17.25 9.48
C GLY A 7 -4.60 -17.25 9.52
N GLY A 8 -3.94 -16.16 9.12
CA GLY A 8 -2.47 -16.16 9.05
C GLY A 8 -1.94 -17.00 7.91
N LEU A 9 -0.63 -17.23 7.95
CA LEU A 9 0.06 -18.01 6.93
C LEU A 9 0.72 -19.25 7.54
N PRO A 10 0.68 -20.41 6.87
CA PRO A 10 0.08 -20.61 5.55
C PRO A 10 -1.43 -20.48 5.54
N VAL A 11 -1.95 -20.09 4.37
CA VAL A 11 -3.39 -19.93 4.19
C VAL A 11 -4.09 -21.26 4.44
N ASP A 12 -5.11 -21.24 5.30
CA ASP A 12 -5.79 -22.49 5.63
C ASP A 12 -6.66 -22.98 4.47
N GLU A 13 -7.16 -24.22 4.60
CA GLU A 13 -7.84 -24.90 3.49
C GLU A 13 -9.05 -24.11 3.00
N ALA A 14 -9.89 -23.65 3.93
CA ALA A 14 -11.10 -22.92 3.53
C ALA A 14 -10.76 -21.63 2.79
N THR A 15 -9.80 -20.86 3.32
CA THR A 15 -9.42 -19.60 2.70
C THR A 15 -8.77 -19.82 1.33
N TRP A 16 -7.94 -20.87 1.23
CA TRP A 16 -7.28 -21.17 -0.04
C TRP A 16 -8.30 -21.60 -1.10
N GLU A 17 -9.27 -22.44 -0.72
CA GLU A 17 -10.30 -22.84 -1.68
C GLU A 17 -11.17 -21.66 -2.07
N ARG A 18 -11.52 -20.81 -1.10
CA ARG A 18 -12.28 -19.61 -1.40
C ARG A 18 -11.56 -18.74 -2.44
N MET A 19 -10.23 -18.62 -2.32
CA MET A 19 -9.47 -17.82 -3.28
C MET A 19 -9.61 -18.38 -4.69
N TRP A 20 -9.50 -19.70 -4.84
CA TRP A 20 -9.58 -20.31 -6.17
C TRP A 20 -11.01 -20.31 -6.71
N LYS A 21 -11.99 -20.49 -5.84
CA LYS A 21 -13.39 -20.36 -6.27
CA LYS A 21 -13.39 -20.36 -6.28
C LYS A 21 -13.66 -18.96 -6.80
N HIS A 22 -13.10 -17.95 -6.13
CA HIS A 22 -13.22 -16.57 -6.59
CA HIS A 22 -13.23 -16.58 -6.59
C HIS A 22 -12.59 -16.38 -7.96
N VAL A 23 -11.38 -16.94 -8.17
CA VAL A 23 -10.71 -16.83 -9.46
C VAL A 23 -11.56 -17.45 -10.55
N ALA A 24 -12.16 -18.61 -10.28
CA ALA A 24 -12.96 -19.30 -11.30
C ALA A 24 -14.16 -18.46 -11.72
N LYS A 25 -14.72 -17.67 -10.80
CA LYS A 25 -15.84 -16.79 -11.12
C LYS A 25 -15.39 -15.61 -11.98
N ILE A 26 -14.29 -14.96 -11.59
CA ILE A 26 -13.85 -13.72 -12.21
C ILE A 26 -13.17 -13.97 -13.56
N HIS A 27 -12.28 -14.96 -13.63
CA HIS A 27 -11.49 -15.11 -14.86
C HIS A 27 -12.34 -15.77 -15.93
N PRO A 28 -12.39 -15.21 -17.16
CA PRO A 28 -13.17 -15.85 -18.23
C PRO A 28 -12.80 -17.31 -18.45
N ASP A 29 -11.52 -17.66 -18.28
CA ASP A 29 -11.14 -19.07 -18.39
C ASP A 29 -11.62 -19.84 -17.17
N GLY A 30 -11.63 -19.23 -16.00
CA GLY A 30 -12.16 -19.87 -14.82
C GLY A 30 -11.33 -21.05 -14.38
N GLU A 31 -11.93 -22.25 -14.46
CA GLU A 31 -11.33 -23.44 -13.87
C GLU A 31 -9.99 -23.81 -14.50
N LYS A 32 -9.75 -23.42 -15.75
CA LYS A 32 -8.49 -23.80 -16.40
C LYS A 32 -7.28 -23.08 -15.78
N VAL A 33 -7.47 -21.87 -15.26
CA VAL A 33 -6.38 -21.20 -14.56
C VAL A 33 -5.95 -22.03 -13.36
N ALA A 34 -6.92 -22.44 -12.53
CA ALA A 34 -6.61 -23.29 -11.38
C ALA A 34 -6.04 -24.63 -11.81
N GLN A 35 -6.58 -25.20 -12.89
N GLN A 35 -6.58 -25.21 -12.88
CA GLN A 35 -6.08 -26.50 -13.35
CA GLN A 35 -6.09 -26.50 -13.36
C GLN A 35 -4.61 -26.42 -13.73
C GLN A 35 -4.61 -26.42 -13.72
N ARG A 36 -4.18 -25.31 -14.32
CA ARG A 36 -2.79 -25.17 -14.72
C ARG A 36 -1.85 -24.94 -13.53
N ILE A 37 -2.29 -24.23 -12.50
CA ILE A 37 -1.39 -23.78 -11.42
C ILE A 37 -1.42 -24.70 -10.23
N ARG A 38 -2.61 -25.10 -9.78
CA ARG A 38 -2.73 -25.81 -8.50
C ARG A 38 -2.05 -27.15 -8.58
N GLY A 39 -1.09 -27.37 -7.69
CA GLY A 39 -0.31 -28.59 -7.71
C GLY A 39 0.77 -28.65 -8.77
N ALA A 40 0.98 -27.58 -9.54
CA ALA A 40 2.00 -27.62 -10.58
C ALA A 40 3.40 -27.68 -9.96
N THR A 41 4.29 -28.49 -10.53
CA THR A 41 5.62 -28.69 -9.98
C THR A 41 6.72 -27.92 -10.71
N ASP A 42 6.38 -27.16 -11.75
CA ASP A 42 7.37 -26.41 -12.51
C ASP A 42 7.20 -24.89 -12.37
N LEU A 43 6.51 -24.43 -11.34
CA LEU A 43 6.25 -23.01 -11.20
C LEU A 43 7.54 -22.23 -10.91
N PRO A 44 7.63 -20.99 -11.38
CA PRO A 44 8.82 -20.18 -11.12
C PRO A 44 9.07 -19.96 -9.63
N LYS A 45 10.35 -20.00 -9.25
CA LYS A 45 10.79 -19.64 -7.90
CA LYS A 45 10.78 -19.64 -7.91
C LYS A 45 10.99 -18.13 -7.87
N ILE A 46 10.12 -17.42 -7.18
CA ILE A 46 10.22 -15.97 -7.11
C ILE A 46 11.24 -15.59 -6.03
N PRO A 47 12.25 -14.79 -6.35
CA PRO A 47 13.18 -14.35 -5.31
C PRO A 47 12.44 -13.59 -4.22
N ILE A 48 12.87 -13.80 -2.97
CA ILE A 48 12.35 -12.99 -1.86
C ILE A 48 12.99 -11.61 -1.99
N PRO A 49 12.22 -10.53 -2.18
CA PRO A 49 12.84 -9.20 -2.30
C PRO A 49 13.67 -8.86 -1.07
N SER A 50 14.84 -8.27 -1.30
CA SER A 50 15.73 -7.90 -0.21
CA SER A 50 15.73 -7.90 -0.21
CA SER A 50 15.74 -7.90 -0.22
C SER A 50 15.23 -6.63 0.46
N VAL A 51 14.95 -6.72 1.75
CA VAL A 51 14.54 -5.53 2.53
C VAL A 51 15.63 -4.48 2.47
N PRO A 52 15.34 -3.24 2.08
CA PRO A 52 16.43 -2.26 1.90
C PRO A 52 16.99 -1.80 3.25
N THR A 53 18.33 -1.68 3.31
CA THR A 53 19.00 -1.10 4.46
C THR A 53 19.96 -0.05 3.96
N PHE A 54 20.26 0.93 4.80
CA PHE A 54 20.87 2.17 4.32
C PHE A 54 22.13 2.50 5.10
N GLN A 55 23.19 2.85 4.36
CA GLN A 55 24.33 3.47 5.00
C GLN A 55 23.93 4.86 5.49
N PRO A 56 24.60 5.37 6.53
CA PRO A 56 24.24 6.71 7.04
C PRO A 56 24.57 7.82 6.06
N SER A 57 25.40 7.56 5.05
CA SER A 57 25.74 8.54 4.03
C SER A 57 24.73 8.60 2.87
N THR A 58 23.75 7.71 2.82
CA THR A 58 22.76 7.77 1.74
C THR A 58 21.72 8.84 2.05
N PRO A 59 21.52 9.83 1.17
CA PRO A 59 20.51 10.86 1.42
C PRO A 59 19.10 10.26 1.51
N VAL A 60 18.26 10.88 2.33
CA VAL A 60 16.91 10.36 2.55
C VAL A 60 16.10 10.22 1.27
N PRO A 61 16.10 11.19 0.34
CA PRO A 61 15.30 10.96 -0.89
C PRO A 61 15.72 9.71 -1.63
N GLU A 62 17.02 9.39 -1.64
CA GLU A 62 17.50 8.14 -2.26
CA GLU A 62 17.48 8.16 -2.26
C GLU A 62 17.01 6.93 -1.48
N ARG A 63 16.93 7.04 -0.16
CA ARG A 63 16.36 5.94 0.64
C ARG A 63 14.91 5.70 0.27
N LEU A 64 14.14 6.78 0.13
CA LEU A 64 12.73 6.66 -0.23
C LEU A 64 12.55 5.97 -1.58
N GLU A 65 13.42 6.28 -2.56
CA GLU A 65 13.36 5.58 -3.84
CA GLU A 65 13.35 5.59 -3.83
C GLU A 65 13.52 4.08 -3.64
N ALA A 66 14.48 3.68 -2.79
CA ALA A 66 14.71 2.26 -2.52
C ALA A 66 13.52 1.63 -1.77
N VAL A 67 12.93 2.35 -0.82
CA VAL A 67 11.74 1.83 -0.13
C VAL A 67 10.60 1.61 -1.13
N GLN A 68 10.35 2.58 -2.01
CA GLN A 68 9.31 2.42 -3.02
C GLN A 68 9.61 1.26 -3.97
N ARG A 69 10.88 1.13 -4.42
CA ARG A 69 11.25 0.01 -5.28
CA ARG A 69 11.22 0.02 -5.29
C ARG A 69 10.97 -1.32 -4.59
N TYR A 70 11.27 -1.41 -3.29
CA TYR A 70 10.96 -2.62 -2.53
C TYR A 70 9.45 -2.88 -2.50
N ILE A 71 8.67 -1.88 -2.14
CA ILE A 71 7.20 -2.04 -2.14
C ILE A 71 6.74 -2.54 -3.52
N ARG A 72 7.22 -1.91 -4.60
CA ARG A 72 6.82 -2.32 -5.95
C ARG A 72 7.20 -3.78 -6.25
N GLU A 73 8.35 -4.24 -5.76
N GLU A 73 8.34 -4.23 -5.74
CA GLU A 73 8.78 -5.60 -6.11
CA GLU A 73 8.84 -5.57 -6.04
C GLU A 73 7.80 -6.65 -5.59
C GLU A 73 7.92 -6.66 -5.51
N LEU A 74 7.11 -6.37 -4.48
CA LEU A 74 6.16 -7.35 -3.96
C LEU A 74 5.03 -7.62 -4.94
N GLN A 75 4.74 -6.63 -5.81
CA GLN A 75 3.70 -6.62 -6.85
CA GLN A 75 3.69 -6.61 -6.84
C GLN A 75 2.32 -6.28 -6.29
N TYR A 76 1.53 -5.59 -7.10
CA TYR A 76 0.14 -5.34 -6.78
C TYR A 76 -0.66 -6.65 -6.77
N ASN A 77 -1.47 -6.84 -5.74
CA ASN A 77 -2.23 -8.07 -5.52
C ASN A 77 -3.51 -8.04 -6.36
N HIS A 78 -3.52 -8.79 -7.45
CA HIS A 78 -4.71 -8.95 -8.29
C HIS A 78 -5.42 -10.29 -8.08
N THR A 79 -5.05 -11.06 -7.06
CA THR A 79 -5.63 -12.40 -6.88
C THR A 79 -7.08 -12.36 -6.39
N GLY A 80 -7.56 -11.25 -5.82
CA GLY A 80 -8.85 -11.22 -5.16
C GLY A 80 -8.85 -11.58 -3.68
N THR A 81 -7.76 -12.11 -3.16
CA THR A 81 -7.62 -12.40 -1.73
C THR A 81 -6.47 -11.58 -1.17
N GLN A 82 -6.77 -10.78 -0.14
CA GLN A 82 -5.73 -10.07 0.59
C GLN A 82 -5.10 -10.97 1.65
N PHE A 83 -3.76 -11.11 1.62
CA PHE A 83 -3.13 -12.17 2.40
C PHE A 83 -2.83 -11.79 3.84
N PHE A 84 -2.87 -10.51 4.17
CA PHE A 84 -2.67 -10.05 5.54
C PHE A 84 -3.88 -9.24 5.97
N GLU A 85 -4.41 -9.52 7.16
CA GLU A 85 -5.50 -8.72 7.70
C GLU A 85 -4.93 -7.49 8.42
N ILE A 86 -5.41 -6.30 8.04
CA ILE A 86 -4.96 -5.04 8.61
CA ILE A 86 -4.95 -5.04 8.62
C ILE A 86 -6.12 -4.41 9.38
N LYS A 87 -6.05 -4.46 10.71
CA LYS A 87 -7.01 -3.74 11.56
CA LYS A 87 -7.01 -3.74 11.56
C LYS A 87 -6.44 -2.36 11.84
N LYS A 88 -7.04 -1.32 11.26
CA LYS A 88 -6.42 0.00 11.24
C LYS A 88 -6.33 0.64 12.63
N SER A 89 -7.10 0.15 13.60
CA SER A 89 -7.10 0.69 14.94
CA SER A 89 -7.06 0.73 14.93
C SER A 89 -6.06 0.03 15.84
N ARG A 90 -5.30 -0.92 15.33
CA ARG A 90 -4.31 -1.60 16.15
C ARG A 90 -3.24 -0.63 16.63
N PRO A 91 -2.73 -0.84 17.84
CA PRO A 91 -1.49 -0.17 18.26
C PRO A 91 -0.40 -0.31 17.20
N LEU A 92 0.41 0.75 17.07
CA LEU A 92 1.45 0.74 16.04
C LEU A 92 2.35 -0.47 16.19
N THR A 93 2.69 -0.85 17.42
CA THR A 93 3.61 -1.96 17.61
C THR A 93 3.07 -3.26 17.00
N GLY A 94 1.75 -3.48 17.04
CA GLY A 94 1.18 -4.66 16.38
C GLY A 94 1.17 -4.54 14.87
N LEU A 95 0.93 -3.34 14.34
CA LEU A 95 1.02 -3.16 12.90
C LEU A 95 2.46 -3.31 12.42
N MET A 96 3.44 -2.96 13.27
CA MET A 96 4.83 -3.14 12.89
C MET A 96 5.23 -4.60 12.91
N ASP A 97 4.67 -5.39 13.81
CA ASP A 97 4.86 -6.84 13.77
C ASP A 97 4.35 -7.40 12.45
N LEU A 98 3.19 -6.91 11.99
CA LEU A 98 2.61 -7.37 10.75
C LEU A 98 3.48 -6.99 9.56
N ALA A 99 4.00 -5.76 9.57
CA ALA A 99 4.89 -5.31 8.51
C ALA A 99 6.12 -6.20 8.43
N LYS A 100 6.71 -6.55 9.58
CA LYS A 100 7.84 -7.48 9.58
C LYS A 100 7.46 -8.80 8.90
N GLU A 101 6.29 -9.35 9.25
CA GLU A 101 5.85 -10.58 8.60
C GLU A 101 5.67 -10.40 7.11
N MET A 102 5.15 -9.24 6.67
CA MET A 102 5.04 -8.99 5.24
C MET A 102 6.41 -9.06 4.55
N THR A 103 7.48 -8.58 5.21
CA THR A 103 8.80 -8.65 4.58
C THR A 103 9.36 -10.07 4.61
N LYS A 104 8.98 -10.87 5.61
CA LYS A 104 9.46 -12.23 5.69
C LYS A 104 8.77 -13.13 4.69
N GLU A 105 7.46 -12.96 4.51
CA GLU A 105 6.70 -13.88 3.68
C GLU A 105 6.57 -13.45 2.23
N ALA A 106 6.71 -12.15 1.93
CA ALA A 106 6.91 -11.65 0.57
C ALA A 106 5.79 -12.08 -0.39
N LEU A 107 4.58 -11.63 -0.10
CA LEU A 107 3.40 -11.84 -0.93
C LEU A 107 2.93 -10.53 -1.56
N PRO A 108 2.11 -10.58 -2.63
CA PRO A 108 1.59 -9.35 -3.23
C PRO A 108 0.70 -8.59 -2.25
N ILE A 109 0.61 -7.28 -2.47
CA ILE A 109 -0.05 -6.35 -1.53
C ILE A 109 -0.86 -5.34 -2.33
N LYS A 110 -1.71 -4.61 -1.60
CA LYS A 110 -2.43 -3.46 -2.15
C LYS A 110 -2.16 -2.22 -1.29
N CYS A 111 -2.98 -1.16 -1.41
CA CYS A 111 -2.54 0.16 -0.94
C CYS A 111 -2.35 0.21 0.59
N LEU A 112 -3.23 -0.43 1.37
CA LEU A 112 -3.13 -0.27 2.82
C LEU A 112 -1.92 -1.01 3.38
N GLU A 113 -1.67 -2.24 2.92
CA GLU A 113 -0.44 -2.93 3.27
C GLU A 113 0.79 -2.09 2.96
N ALA A 114 0.79 -1.40 1.81
CA ALA A 114 1.93 -0.57 1.42
C ALA A 114 2.14 0.57 2.40
N VAL A 115 1.06 1.15 2.91
CA VAL A 115 1.20 2.25 3.87
C VAL A 115 1.91 1.77 5.14
N ILE A 116 1.50 0.60 5.64
CA ILE A 116 2.08 0.03 6.85
C ILE A 116 3.55 -0.29 6.62
N LEU A 117 3.87 -0.86 5.45
CA LEU A 117 5.26 -1.16 5.12
C LEU A 117 6.10 0.12 5.03
N GLY A 118 5.54 1.17 4.42
CA GLY A 118 6.30 2.41 4.32
C GLY A 118 6.68 2.98 5.67
N ILE A 119 5.78 2.90 6.64
CA ILE A 119 6.12 3.30 8.01
C ILE A 119 7.23 2.41 8.55
N TYR A 120 7.03 1.09 8.50
CA TYR A 120 8.00 0.14 9.02
C TYR A 120 9.39 0.44 8.47
N LEU A 121 9.48 0.73 7.18
CA LEU A 121 10.77 0.85 6.51
C LEU A 121 11.39 2.25 6.63
N THR A 122 10.65 3.22 7.16
CA THR A 122 11.20 4.55 7.34
C THR A 122 11.31 4.98 8.80
N ASN A 123 11.00 4.08 9.75
CA ASN A 123 11.20 4.44 11.16
C ASN A 123 12.66 4.76 11.47
N SER A 124 13.60 4.27 10.65
CA SER A 124 15.02 4.56 10.78
C SER A 124 15.42 5.94 10.29
N MET A 125 14.44 6.78 9.89
CA MET A 125 14.68 8.08 9.27
CA MET A 125 14.69 8.07 9.28
C MET A 125 14.02 9.16 10.13
N PRO A 126 14.62 9.53 11.26
CA PRO A 126 13.96 10.52 12.14
C PRO A 126 13.80 11.89 11.49
N THR A 127 14.59 12.22 10.48
CA THR A 127 14.45 13.51 9.80
C THR A 127 13.36 13.51 8.74
N LEU A 128 12.64 12.41 8.60
CA LEU A 128 11.48 12.27 7.71
C LEU A 128 10.22 12.15 8.54
N GLU A 129 9.16 12.85 8.12
CA GLU A 129 7.86 12.70 8.75
C GLU A 129 6.95 11.92 7.81
N ARG A 130 6.11 11.05 8.38
CA ARG A 130 5.22 10.19 7.62
C ARG A 130 3.81 10.39 8.14
N PHE A 131 2.83 10.53 7.23
CA PHE A 131 1.41 10.70 7.60
C PHE A 131 0.52 10.14 6.49
N PRO A 132 -0.50 9.34 6.81
CA PRO A 132 -1.35 8.78 5.76
C PRO A 132 -2.19 9.85 5.08
N ILE A 133 -2.41 9.67 3.77
CA ILE A 133 -3.33 10.49 2.99
C ILE A 133 -4.32 9.54 2.29
N SER A 134 -5.61 9.72 2.53
CA SER A 134 -6.64 8.88 1.93
C SER A 134 -7.49 9.69 0.95
N PHE A 135 -7.92 9.04 -0.12
CA PHE A 135 -8.70 9.66 -1.18
C PHE A 135 -9.99 8.88 -1.41
N LYS A 136 -11.08 9.59 -1.67
CA LYS A 136 -12.33 9.00 -2.10
C LYS A 136 -12.69 9.63 -3.45
N THR A 137 -12.79 8.81 -4.50
CA THR A 137 -13.08 9.30 -5.85
C THR A 137 -14.34 8.65 -6.41
N TYR A 138 -14.76 9.17 -7.57
CA TYR A 138 -15.99 8.73 -8.21
C TYR A 138 -15.77 8.49 -9.70
N PHE A 139 -16.20 7.32 -10.17
CA PHE A 139 -16.16 7.01 -11.59
C PHE A 139 -17.34 6.13 -11.96
N SER A 140 -18.07 6.54 -13.00
CA SER A 140 -19.08 5.68 -13.65
C SER A 140 -20.04 5.08 -12.63
N GLY A 141 -20.56 5.94 -11.75
CA GLY A 141 -21.55 5.49 -10.80
C GLY A 141 -21.02 4.63 -9.67
N ASN A 142 -19.74 4.77 -9.32
CA ASN A 142 -19.19 4.02 -8.21
C ASN A 142 -18.13 4.86 -7.52
N TYR A 143 -17.92 4.56 -6.24
CA TYR A 143 -16.91 5.23 -5.44
C TYR A 143 -15.72 4.30 -5.27
N PHE A 144 -14.55 4.91 -5.21
CA PHE A 144 -13.31 4.18 -5.05
C PHE A 144 -12.54 4.82 -3.89
N ARG A 145 -11.85 4.00 -3.12
CA ARG A 145 -11.07 4.49 -1.99
C ARG A 145 -9.61 4.10 -2.17
N HIS A 146 -8.72 5.01 -1.80
CA HIS A 146 -7.30 4.81 -2.00
C HIS A 146 -6.57 5.46 -0.84
N ILE A 147 -5.36 4.96 -0.56
CA ILE A 147 -4.55 5.50 0.51
CA ILE A 147 -4.53 5.45 0.54
C ILE A 147 -3.08 5.41 0.11
N VAL A 148 -2.33 6.46 0.46
CA VAL A 148 -0.88 6.51 0.28
C VAL A 148 -0.29 7.05 1.57
N LEU A 149 1.03 6.93 1.69
CA LEU A 149 1.75 7.47 2.84
C LEU A 149 2.36 8.80 2.42
N GLY A 150 1.80 9.90 2.92
CA GLY A 150 2.47 11.18 2.80
C GLY A 150 3.78 11.22 3.56
N VAL A 151 4.77 11.92 2.99
CA VAL A 151 6.06 12.09 3.65
C VAL A 151 6.49 13.54 3.51
N ASN A 152 7.32 13.98 4.45
CA ASN A 152 7.83 15.35 4.52
C ASN A 152 9.32 15.28 4.83
N PHE A 153 10.16 15.75 3.90
CA PHE A 153 11.60 15.80 4.12
C PHE A 153 12.13 17.17 3.74
N ALA A 154 12.86 17.79 4.66
CA ALA A 154 13.52 19.07 4.39
C ALA A 154 12.51 20.11 3.87
N GLY A 155 11.32 20.13 4.47
CA GLY A 155 10.29 21.07 4.08
C GLY A 155 9.60 20.79 2.76
N ARG A 156 9.88 19.65 2.11
CA ARG A 156 9.22 19.26 0.87
C ARG A 156 8.32 18.05 1.13
N TYR A 157 7.37 17.82 0.23
CA TYR A 157 6.38 16.77 0.42
C TYR A 157 6.43 15.76 -0.73
N GLY A 158 6.22 14.49 -0.39
CA GLY A 158 6.20 13.42 -1.36
C GLY A 158 5.25 12.33 -0.89
N ALA A 159 5.29 11.15 -1.51
CA ALA A 159 4.38 10.10 -1.09
C ALA A 159 4.96 8.75 -1.46
N LEU A 160 4.64 7.74 -0.65
CA LEU A 160 4.94 6.33 -0.93
C LEU A 160 3.63 5.59 -1.01
N GLY A 161 3.57 4.50 -1.76
CA GLY A 161 2.36 3.70 -1.72
C GLY A 161 2.31 2.65 -2.80
N MET A 162 1.14 2.05 -2.93
CA MET A 162 0.93 1.04 -3.96
C MET A 162 -0.44 1.27 -4.58
N SER A 163 -0.47 1.39 -5.90
CA SER A 163 -1.69 1.54 -6.68
C SER A 163 -1.53 0.72 -7.95
N ARG A 164 -2.66 0.37 -8.57
CA ARG A 164 -2.56 -0.21 -9.89
C ARG A 164 -2.22 0.82 -10.95
N ARG A 165 -2.25 2.12 -10.63
CA ARG A 165 -1.85 3.17 -11.57
C ARG A 165 -0.55 3.84 -11.13
N GLU A 166 0.34 4.08 -12.10
CA GLU A 166 1.67 4.58 -11.79
C GLU A 166 1.66 5.94 -11.13
N ASP A 167 0.72 6.81 -11.52
N ASP A 167 0.70 6.80 -11.52
CA ASP A 167 0.70 8.18 -11.03
CA ASP A 167 0.64 8.19 -11.06
C ASP A 167 -0.21 8.35 -9.81
C ASP A 167 -0.12 8.35 -9.76
N LEU A 168 -0.63 7.26 -9.17
CA LEU A 168 -1.42 7.33 -7.94
C LEU A 168 -0.68 6.70 -6.77
N MET A 169 0.64 6.69 -6.83
CA MET A 169 1.36 6.21 -5.65
C MET A 169 2.59 7.09 -5.40
N TYR A 170 3.74 6.70 -5.92
CA TYR A 170 5.01 7.32 -5.55
C TYR A 170 5.10 8.77 -6.05
N LYS A 171 5.49 9.67 -5.16
CA LYS A 171 5.81 11.06 -5.53
C LYS A 171 7.11 11.41 -4.84
N PRO A 172 8.15 11.81 -5.55
CA PRO A 172 9.39 12.21 -4.88
C PRO A 172 9.15 13.40 -3.99
N PRO A 173 9.89 13.50 -2.87
CA PRO A 173 9.64 14.58 -1.91
C PRO A 173 10.15 15.91 -2.43
N ALA A 174 9.51 16.41 -3.47
CA ALA A 174 9.93 17.64 -4.14
C ALA A 174 8.88 18.74 -4.11
N PHE A 175 7.67 18.44 -3.65
CA PHE A 175 6.59 19.42 -3.67
C PHE A 175 6.77 20.43 -2.54
N ARG A 176 6.71 21.71 -2.89
CA ARG A 176 7.01 22.76 -1.93
C ARG A 176 5.97 22.84 -0.83
N THR A 177 4.74 22.46 -1.11
CA THR A 177 3.66 22.52 -0.13
C THR A 177 2.88 21.23 -0.16
N LEU A 178 2.17 20.96 0.94
CA LEU A 178 1.22 19.84 0.95
CA LEU A 178 1.23 19.84 0.95
C LEU A 178 0.13 20.04 -0.09
N SER A 179 -0.30 21.30 -0.30
CA SER A 179 -1.31 21.59 -1.31
C SER A 179 -0.89 21.10 -2.68
N GLU A 180 0.37 21.37 -3.05
CA GLU A 180 0.83 20.99 -4.39
CA GLU A 180 0.82 20.99 -4.39
C GLU A 180 0.87 19.47 -4.54
N LEU A 181 1.24 18.75 -3.49
CA LEU A 181 1.26 17.29 -3.56
C LEU A 181 -0.16 16.74 -3.78
N VAL A 182 -1.11 17.16 -2.95
CA VAL A 182 -2.48 16.66 -3.07
C VAL A 182 -3.10 17.07 -4.41
N LEU A 183 -2.83 18.30 -4.87
CA LEU A 183 -3.37 18.70 -6.17
C LEU A 183 -2.77 17.89 -7.32
N ASP A 184 -1.55 17.40 -7.16
CA ASP A 184 -0.99 16.51 -8.17
C ASP A 184 -1.79 15.21 -8.25
N PHE A 185 -2.14 14.64 -7.07
CA PHE A 185 -2.96 13.44 -7.04
C PHE A 185 -4.32 13.69 -7.67
N GLU A 186 -4.94 14.84 -7.36
CA GLU A 186 -6.22 15.20 -7.96
C GLU A 186 -6.14 15.24 -9.48
N ALA A 187 -5.07 15.81 -10.03
CA ALA A 187 -4.91 15.85 -11.49
C ALA A 187 -4.71 14.46 -12.07
N ALA A 188 -3.91 13.62 -11.40
CA ALA A 188 -3.73 12.25 -11.86
C ALA A 188 -5.05 11.48 -11.89
N TYR A 189 -5.90 11.66 -10.88
CA TYR A 189 -7.23 11.05 -10.90
C TYR A 189 -8.07 11.61 -12.05
N GLY A 190 -7.98 12.92 -12.29
CA GLY A 190 -8.74 13.50 -13.39
C GLY A 190 -8.37 12.88 -14.73
N ARG A 191 -7.09 12.55 -14.90
CA ARG A 191 -6.62 12.03 -16.18
C ARG A 191 -7.14 10.63 -16.46
N CYS A 192 -7.44 9.85 -15.42
CA CYS A 192 -8.09 8.57 -15.61
C CYS A 192 -9.59 8.64 -15.29
N TRP A 193 -10.17 9.82 -15.44
CA TRP A 193 -11.61 10.06 -15.49
C TRP A 193 -12.30 9.81 -14.15
N HIS A 194 -11.55 9.86 -13.05
CA HIS A 194 -12.12 9.86 -11.70
C HIS A 194 -12.25 11.28 -11.18
N VAL A 195 -13.34 11.55 -10.45
CA VAL A 195 -13.57 12.82 -9.79
C VAL A 195 -13.20 12.68 -8.32
N LEU A 196 -12.29 13.52 -7.83
CA LEU A 196 -11.89 13.46 -6.43
C LEU A 196 -12.97 14.08 -5.55
N LYS A 197 -13.46 13.32 -4.57
CA LYS A 197 -14.53 13.78 -3.68
C LYS A 197 -14.02 14.14 -2.30
N LYS A 198 -13.17 13.32 -1.69
CA LYS A 198 -12.74 13.54 -0.31
C LYS A 198 -11.26 13.23 -0.17
N VAL A 199 -10.58 14.02 0.66
CA VAL A 199 -9.21 13.75 1.08
C VAL A 199 -9.20 13.69 2.60
N LYS A 200 -8.61 12.64 3.15
CA LYS A 200 -8.47 12.50 4.60
C LYS A 200 -6.99 12.43 4.95
N LEU A 201 -6.58 13.27 5.90
CA LEU A 201 -5.18 13.47 6.25
CA LEU A 201 -5.19 13.45 6.25
C LEU A 201 -4.94 13.01 7.67
N GLY A 202 -3.95 12.14 7.85
CA GLY A 202 -3.58 11.69 9.18
C GLY A 202 -2.58 12.62 9.83
N GLN A 203 -2.23 12.28 11.07
CA GLN A 203 -1.16 12.95 11.77
C GLN A 203 0.15 12.16 11.61
N SER A 204 1.25 12.79 11.99
CA SER A 204 2.56 12.15 11.91
C SER A 204 2.62 10.94 12.81
N VAL A 205 3.31 9.91 12.33
CA VAL A 205 3.39 8.61 12.98
C VAL A 205 4.73 8.49 13.69
N SER A 206 4.70 7.95 14.91
CA SER A 206 5.92 7.79 15.69
C SER A 206 6.93 6.91 14.96
N HIS A 207 8.21 7.24 15.13
CA HIS A 207 9.28 6.38 14.65
C HIS A 207 9.64 5.26 15.62
N ASP A 208 8.93 5.15 16.73
CA ASP A 208 9.16 4.06 17.67
C ASP A 208 8.30 2.87 17.25
N PRO A 209 8.88 1.78 16.75
CA PRO A 209 8.07 0.63 16.33
C PRO A 209 7.46 -0.13 17.50
N HIS A 210 7.81 0.22 18.74
CA HIS A 210 7.19 -0.35 19.92
C HIS A 210 6.16 0.58 20.54
N SER A 211 5.86 1.71 19.88
CA SER A 211 4.83 2.61 20.35
C SER A 211 3.48 1.89 20.43
N VAL A 212 2.70 2.19 21.46
CA VAL A 212 1.35 1.64 21.58
C VAL A 212 0.27 2.59 21.06
N GLU A 213 0.65 3.78 20.60
CA GLU A 213 -0.31 4.73 20.07
C GLU A 213 -0.92 4.22 18.77
N GLN A 214 -2.15 4.65 18.49
CA GLN A 214 -2.82 4.36 17.23
C GLN A 214 -2.38 5.34 16.16
N ILE A 215 -2.39 4.87 14.91
CA ILE A 215 -2.35 5.77 13.76
C ILE A 215 -3.67 6.52 13.68
N GLU A 216 -3.61 7.80 13.37
CA GLU A 216 -4.81 8.64 13.28
C GLU A 216 -5.05 8.92 11.81
N TRP A 217 -5.96 8.14 11.22
CA TRP A 217 -6.11 8.12 9.76
C TRP A 217 -6.90 9.31 9.26
N LYS A 218 -7.86 9.80 10.04
CA LYS A 218 -8.87 10.72 9.55
C LYS A 218 -8.92 11.97 10.41
N HIS A 219 -7.75 12.49 10.80
CA HIS A 219 -7.71 13.70 11.61
C HIS A 219 -8.39 14.87 10.91
N SER A 220 -8.02 15.12 9.66
CA SER A 220 -8.64 16.17 8.85
C SER A 220 -9.35 15.51 7.66
N VAL A 221 -10.60 15.89 7.46
CA VAL A 221 -11.41 15.38 6.36
C VAL A 221 -11.86 16.57 5.54
N LEU A 222 -11.53 16.55 4.24
CA LEU A 222 -11.81 17.67 3.36
C LEU A 222 -12.79 17.23 2.29
N ASP A 223 -13.91 17.93 2.21
CA ASP A 223 -14.89 17.75 1.13
C ASP A 223 -14.49 18.67 -0.01
N VAL A 224 -13.92 18.07 -1.07
CA VAL A 224 -13.28 18.84 -2.12
C VAL A 224 -14.29 19.71 -2.86
N GLU A 225 -15.42 19.13 -3.26
CA GLU A 225 -16.38 19.88 -4.06
C GLU A 225 -17.03 21.00 -3.25
N ARG A 226 -17.25 20.77 -1.95
CA ARG A 226 -17.90 21.79 -1.13
C ARG A 226 -16.94 22.94 -0.80
N LEU A 227 -15.68 22.61 -0.48
CA LEU A 227 -14.73 23.65 -0.10
C LEU A 227 -14.42 24.59 -1.26
N GLY A 228 -14.38 24.07 -2.49
CA GLY A 228 -13.90 24.86 -3.61
C GLY A 228 -12.39 25.01 -3.56
N ARG A 229 -11.84 25.47 -4.70
CA ARG A 229 -10.40 25.42 -4.91
CA ARG A 229 -10.40 25.42 -4.91
C ARG A 229 -9.63 26.19 -3.85
N ASP A 230 -10.05 27.43 -3.57
CA ASP A 230 -9.26 28.31 -2.69
C ASP A 230 -9.31 27.84 -1.23
N ASP A 231 -10.45 27.40 -0.75
CA ASP A 231 -10.51 26.90 0.63
C ASP A 231 -9.96 25.48 0.75
N PHE A 232 -10.01 24.70 -0.34
CA PHE A 232 -9.32 23.42 -0.38
C PHE A 232 -7.83 23.61 -0.08
N ARG A 233 -7.17 24.49 -0.83
CA ARG A 233 -5.78 24.83 -0.56
C ARG A 233 -5.57 25.30 0.88
N LYS A 234 -6.43 26.21 1.35
CA LYS A 234 -6.29 26.76 2.70
C LYS A 234 -6.33 25.67 3.77
N GLU A 235 -7.28 24.75 3.65
CA GLU A 235 -7.39 23.66 4.61
C GLU A 235 -6.16 22.75 4.55
N LEU A 236 -5.72 22.40 3.34
CA LEU A 236 -4.54 21.55 3.20
C LEU A 236 -3.34 22.20 3.89
N GLU A 237 -3.13 23.50 3.66
CA GLU A 237 -2.01 24.19 4.29
C GLU A 237 -2.18 24.30 5.80
N ARG A 238 -3.44 24.29 6.28
CA ARG A 238 -3.66 24.33 7.72
CA ARG A 238 -3.67 24.32 7.72
C ARG A 238 -3.27 23.00 8.36
N HIS A 239 -3.61 21.88 7.71
CA HIS A 239 -3.17 20.58 8.21
C HIS A 239 -1.66 20.49 8.23
N ALA A 240 -1.00 20.94 7.15
CA ALA A 240 0.46 20.89 7.10
C ALA A 240 1.11 21.73 8.19
N ARG A 241 0.59 22.94 8.42
CA ARG A 241 1.12 23.82 9.46
C ARG A 241 1.01 23.17 10.85
N ASP A 242 -0.18 22.65 11.18
CA ASP A 242 -0.38 21.96 12.45
C ASP A 242 0.65 20.86 12.66
N MET A 243 0.82 20.00 11.65
CA MET A 243 1.81 18.93 11.75
C MET A 243 3.19 19.50 12.06
N ARG A 244 3.63 20.51 11.31
CA ARG A 244 4.96 21.06 11.51
C ARG A 244 5.09 21.73 12.89
N LEU A 245 4.07 22.48 13.28
CA LEU A 245 4.10 23.11 14.62
C LEU A 245 4.16 22.06 15.72
N LYS A 246 3.39 20.98 15.57
CA LYS A 246 3.37 19.93 16.58
C LYS A 246 4.71 19.21 16.70
N ILE A 247 5.55 19.28 15.67
CA ILE A 247 6.91 18.73 15.74
C ILE A 247 7.84 19.78 16.33
N SER B 1 10.84 -27.84 7.44
CA SER B 1 9.64 -27.48 8.17
C SER B 1 8.40 -27.64 7.30
N ALA B 2 7.45 -28.47 7.75
CA ALA B 2 6.20 -28.64 7.01
C ALA B 2 5.49 -27.31 6.78
N GLN B 3 5.46 -26.45 7.81
CA GLN B 3 4.82 -25.14 7.66
C GLN B 3 5.57 -24.30 6.64
N GLN B 4 6.91 -24.29 6.72
CA GLN B 4 7.70 -23.55 5.74
C GLN B 4 7.47 -24.09 4.34
N GLU B 5 7.39 -25.41 4.20
CA GLU B 5 7.11 -26.02 2.91
C GLU B 5 5.76 -25.56 2.35
N LEU B 6 4.71 -25.63 3.17
CA LEU B 6 3.41 -25.14 2.73
C LEU B 6 3.49 -23.71 2.24
N LYS B 7 4.19 -22.85 2.99
CA LYS B 7 4.21 -21.43 2.62
C LYS B 7 4.98 -21.23 1.31
N GLN B 8 6.05 -21.99 1.09
CA GLN B 8 6.78 -21.88 -0.16
CA GLN B 8 6.79 -21.90 -0.16
C GLN B 8 5.93 -22.38 -1.33
N ARG B 9 5.23 -23.52 -1.16
CA ARG B 9 4.37 -24.02 -2.21
C ARG B 9 3.24 -23.04 -2.51
N GLN B 10 2.65 -22.47 -1.45
CA GLN B 10 1.58 -21.51 -1.65
C GLN B 10 2.08 -20.22 -2.31
N ARG B 11 3.25 -19.73 -1.90
CA ARG B 11 3.75 -18.48 -2.48
C ARG B 11 3.99 -18.64 -3.98
N ALA B 12 4.48 -19.80 -4.42
CA ALA B 12 4.69 -20.01 -5.85
C ALA B 12 3.37 -19.98 -6.61
N GLU B 13 2.33 -20.62 -6.06
CA GLU B 13 1.03 -20.61 -6.73
C GLU B 13 0.43 -19.21 -6.70
N ILE B 14 0.64 -18.47 -5.61
CA ILE B 14 0.11 -17.10 -5.50
C ILE B 14 0.74 -16.20 -6.55
N TYR B 15 2.07 -16.26 -6.73
CA TYR B 15 2.67 -15.42 -7.76
C TYR B 15 2.34 -15.89 -9.17
N ALA B 16 2.21 -17.21 -9.38
CA ALA B 16 1.77 -17.67 -10.71
C ALA B 16 0.35 -17.17 -11.01
N LEU B 17 -0.53 -17.26 -10.02
CA LEU B 17 -1.88 -16.74 -10.18
C LEU B 17 -1.88 -15.22 -10.38
N ASN B 18 -1.06 -14.51 -9.61
CA ASN B 18 -1.07 -13.05 -9.71
C ASN B 18 -0.66 -12.60 -11.11
N ARG B 19 0.27 -13.32 -11.74
N ARG B 19 0.26 -13.33 -11.75
CA ARG B 19 0.65 -12.97 -13.11
CA ARG B 19 0.64 -12.96 -13.10
C ARG B 19 -0.55 -13.09 -14.04
C ARG B 19 -0.54 -13.08 -14.05
N VAL B 20 -1.29 -14.18 -13.93
CA VAL B 20 -2.47 -14.39 -14.76
C VAL B 20 -3.51 -13.30 -14.50
N MET B 21 -3.79 -13.02 -13.23
CA MET B 21 -4.83 -12.03 -12.92
C MET B 21 -4.39 -10.62 -13.27
N THR B 22 -3.09 -10.32 -13.16
CA THR B 22 -2.60 -9.02 -13.60
C THR B 22 -2.76 -8.85 -15.11
N GLU B 23 -2.45 -9.91 -15.88
CA GLU B 23 -2.65 -9.86 -17.33
C GLU B 23 -4.11 -9.65 -17.69
N LEU B 24 -5.02 -10.09 -16.82
CA LEU B 24 -6.44 -9.94 -17.04
C LEU B 24 -6.92 -8.51 -16.76
N GLU B 25 -6.39 -7.87 -15.71
CA GLU B 25 -6.83 -6.55 -15.26
C GLU B 25 -6.12 -5.40 -15.98
N GLN B 26 -5.41 -5.66 -17.07
CA GLN B 26 -4.87 -4.57 -17.87
C GLN B 26 -6.01 -3.78 -18.51
#